data_5KGG
#
_entry.id   5KGG
#
_cell.length_a   96.446
_cell.length_b   96.446
_cell.length_c   81.615
_cell.angle_alpha   90.00
_cell.angle_beta   90.00
_cell.angle_gamma   120.00
#
_symmetry.space_group_name_H-M   'P 65'
#
loop_
_entity.id
_entity.type
_entity.pdbx_description
1 polymer 'Serine/threonine-protein kinase pim-1'
2 non-polymer 'CHLORIDE ION'
3 non-polymer 1,2-ETHANEDIOL
4 non-polymer 2-(5-chloranyl-1~{H}-indol-3-yl)ethanamine
5 non-polymer 'SULFATE ION'
6 water water
#
_entity_poly.entity_id   1
_entity_poly.type   'polypeptide(L)'
_entity_poly.pdbx_seq_one_letter_code
;EKEPLESQYQVGPLLGSGGFGSVYSGIRVSDNLPVAIKHVEKDRISDWGELPNGTRVPMEVVLLKKVSSGFSGVIRLLDW
FERPDSFVLILERPEPVQDLFDFITERGALQEELARSFFWQVLEAVRHCHNCGVLHRDIKDENILIDLNRGELKLIDFGS
GALLKDTVYTDFDGTRVYSPPEWIRYHRYHGRSAAVWSLGILLYDMVCGDIPFEHDEEIIRGQVFFRQRVSSECQHLIRW
CLALRPSDRPTFEEIQNHPWMQDVLLPQETAEIHLH
;
_entity_poly.pdbx_strand_id   A
#
loop_
_chem_comp.id
_chem_comp.type
_chem_comp.name
_chem_comp.formula
6SO non-polymer 2-(5-chloranyl-1~{H}-indol-3-yl)ethanamine 'C10 H11 Cl N2'
CL non-polymer 'CHLORIDE ION' 'Cl -1'
EDO non-polymer 1,2-ETHANEDIOL 'C2 H6 O2'
SO4 non-polymer 'SULFATE ION' 'O4 S -2'
#
# COMPACT_ATOMS: atom_id res chain seq x y z
N PRO A 4 -31.32 -6.69 1.60
CA PRO A 4 -30.12 -6.25 0.87
C PRO A 4 -29.04 -5.59 1.73
N LEU A 5 -28.00 -5.05 1.06
CA LEU A 5 -26.85 -4.34 1.61
C LEU A 5 -27.24 -3.32 2.69
N GLU A 6 -28.26 -2.49 2.41
CA GLU A 6 -28.77 -1.44 3.31
C GLU A 6 -29.22 -1.97 4.68
N SER A 7 -29.77 -3.19 4.73
CA SER A 7 -30.23 -3.84 5.96
C SER A 7 -29.12 -4.61 6.66
N GLN A 8 -28.16 -5.15 5.88
CA GLN A 8 -27.02 -5.93 6.35
C GLN A 8 -25.96 -5.11 7.08
N TYR A 9 -25.90 -3.79 6.80
CA TYR A 9 -24.89 -2.90 7.36
C TYR A 9 -25.48 -1.62 7.90
N GLN A 10 -24.93 -1.17 9.03
CA GLN A 10 -25.31 0.08 9.68
C GLN A 10 -24.21 1.09 9.30
N VAL A 11 -24.57 2.14 8.57
CA VAL A 11 -23.59 3.14 8.10
C VAL A 11 -23.22 4.11 9.20
N GLY A 12 -21.92 4.30 9.37
CA GLY A 12 -21.38 5.25 10.31
C GLY A 12 -20.81 6.44 9.55
N PRO A 13 -19.87 7.20 10.15
CA PRO A 13 -19.33 8.36 9.45
C PRO A 13 -18.41 8.06 8.29
N LEU A 14 -18.22 9.07 7.41
CA LEU A 14 -17.26 9.04 6.30
C LEU A 14 -15.87 9.03 6.90
N LEU A 15 -15.03 8.06 6.52
CA LEU A 15 -13.65 7.96 6.98
C LEU A 15 -12.69 8.73 6.06
N GLY A 16 -13.02 8.74 4.78
CA GLY A 16 -12.20 9.42 3.79
C GLY A 16 -12.73 9.27 2.38
N SER A 17 -12.23 10.11 1.49
CA SER A 17 -12.56 10.08 0.07
C SER A 17 -11.37 10.59 -0.75
N GLY A 18 -11.31 10.17 -2.00
CA GLY A 18 -10.23 10.55 -2.91
C GLY A 18 -10.26 9.73 -4.18
N GLY A 19 -9.09 9.50 -4.77
CA GLY A 19 -8.97 8.72 -6.01
C GLY A 19 -9.57 7.33 -5.92
N PHE A 20 -9.57 6.78 -4.70
CA PHE A 20 -10.10 5.45 -4.37
C PHE A 20 -11.64 5.36 -4.25
N GLY A 21 -12.31 6.52 -4.10
CA GLY A 21 -13.76 6.61 -3.93
C GLY A 21 -14.12 7.23 -2.61
N SER A 22 -15.24 6.79 -1.99
CA SER A 22 -15.67 7.27 -0.67
C SER A 22 -15.77 6.07 0.26
N VAL A 23 -15.13 6.16 1.44
CA VAL A 23 -15.12 5.07 2.40
C VAL A 23 -15.78 5.52 3.68
N TYR A 24 -16.74 4.71 4.17
CA TYR A 24 -17.47 4.96 5.39
C TYR A 24 -17.17 3.90 6.43
N SER A 25 -17.24 4.29 7.71
CA SER A 25 -17.14 3.37 8.81
C SER A 25 -18.49 2.68 8.85
N GLY A 26 -18.49 1.42 9.21
CA GLY A 26 -19.72 0.66 9.28
C GLY A 26 -19.63 -0.49 10.26
N ILE A 27 -20.78 -1.10 10.52
CA ILE A 27 -20.90 -2.24 11.42
C ILE A 27 -21.79 -3.25 10.73
N ARG A 28 -21.32 -4.52 10.65
CA ARG A 28 -22.13 -5.59 10.07
C ARG A 28 -23.20 -5.90 11.13
N VAL A 29 -24.49 -5.77 10.78
CA VAL A 29 -25.60 -5.91 11.75
C VAL A 29 -25.71 -7.29 12.42
N SER A 30 -25.34 -8.39 11.73
CA SER A 30 -25.45 -9.75 12.24
C SER A 30 -24.59 -10.05 13.48
N ASP A 31 -23.31 -9.63 13.49
CA ASP A 31 -22.38 -9.92 14.58
C ASP A 31 -21.62 -8.68 15.11
N ASN A 32 -22.10 -7.45 14.79
CA ASN A 32 -21.51 -6.17 15.20
C ASN A 32 -20.05 -5.95 14.70
N LEU A 33 -19.56 -6.79 13.77
CA LEU A 33 -18.20 -6.70 13.23
C LEU A 33 -17.91 -5.33 12.60
N PRO A 34 -16.78 -4.68 12.98
CA PRO A 34 -16.44 -3.39 12.36
C PRO A 34 -16.05 -3.61 10.90
N VAL A 35 -16.63 -2.79 10.00
CA VAL A 35 -16.34 -2.89 8.56
C VAL A 35 -16.09 -1.48 7.98
N ALA A 36 -15.49 -1.41 6.77
CA ALA A 36 -15.36 -0.16 6.02
C ALA A 36 -16.14 -0.41 4.75
N ILE A 37 -16.94 0.58 4.37
CA ILE A 37 -17.84 0.48 3.22
C ILE A 37 -17.33 1.46 2.18
N LYS A 38 -16.76 0.90 1.10
CA LYS A 38 -16.17 1.68 0.03
C LYS A 38 -17.07 1.72 -1.19
N HIS A 39 -17.36 2.95 -1.66
CA HIS A 39 -18.20 3.21 -2.83
C HIS A 39 -17.30 3.70 -3.94
N VAL A 40 -17.41 3.08 -5.11
CA VAL A 40 -16.61 3.45 -6.29
C VAL A 40 -17.56 3.67 -7.43
N GLU A 41 -17.56 4.88 -8.02
CA GLU A 41 -18.46 5.18 -9.14
C GLU A 41 -18.04 4.38 -10.38
N LYS A 42 -19.02 3.82 -11.12
CA LYS A 42 -18.75 3.02 -12.33
C LYS A 42 -18.01 3.79 -13.41
N ASP A 43 -18.34 5.10 -13.62
CA ASP A 43 -17.68 5.98 -14.59
C ASP A 43 -16.19 6.25 -14.30
N ARG A 44 -15.74 5.93 -13.07
CA ARG A 44 -14.35 6.11 -12.65
C ARG A 44 -13.53 4.81 -12.72
N ILE A 45 -14.16 3.68 -13.07
CA ILE A 45 -13.52 2.37 -13.19
C ILE A 45 -13.09 2.17 -14.67
N SER A 46 -11.78 2.20 -14.93
CA SER A 46 -11.21 2.00 -16.28
C SER A 46 -10.79 0.55 -16.47
N ASP A 47 -10.21 -0.07 -15.41
CA ASP A 47 -9.79 -1.45 -15.45
C ASP A 47 -10.85 -2.38 -14.93
N TRP A 48 -11.36 -3.25 -15.81
CA TRP A 48 -12.38 -4.24 -15.51
C TRP A 48 -11.77 -5.62 -15.68
N GLY A 49 -12.29 -6.58 -14.92
CA GLY A 49 -11.84 -7.96 -14.97
C GLY A 49 -12.96 -8.91 -14.66
N GLU A 50 -12.63 -10.20 -14.54
CA GLU A 50 -13.64 -11.22 -14.23
C GLU A 50 -13.13 -12.25 -13.23
N LEU A 51 -14.05 -12.63 -12.33
CA LEU A 51 -13.89 -13.60 -11.26
C LEU A 51 -13.74 -15.02 -11.84
N PRO A 52 -13.29 -16.05 -11.08
CA PRO A 52 -13.19 -17.40 -11.66
C PRO A 52 -14.45 -17.88 -12.41
N ASN A 53 -15.65 -17.40 -12.00
CA ASN A 53 -16.93 -17.72 -12.64
C ASN A 53 -17.15 -16.97 -13.97
N GLY A 54 -16.74 -15.70 -14.03
CA GLY A 54 -16.85 -14.88 -15.24
C GLY A 54 -17.70 -13.62 -15.18
N THR A 55 -18.07 -13.17 -13.96
CA THR A 55 -18.89 -11.95 -13.76
C THR A 55 -18.03 -10.70 -14.01
N ARG A 56 -18.61 -9.66 -14.66
CA ARG A 56 -17.89 -8.41 -14.93
C ARG A 56 -17.86 -7.54 -13.66
N VAL A 57 -16.65 -7.38 -13.09
CA VAL A 57 -16.44 -6.59 -11.87
C VAL A 57 -15.23 -5.67 -12.03
N PRO A 58 -15.06 -4.61 -11.20
CA PRO A 58 -13.82 -3.84 -11.29
C PRO A 58 -12.61 -4.74 -11.01
N MET A 59 -11.47 -4.43 -11.64
CA MET A 59 -10.20 -5.12 -11.42
C MET A 59 -9.86 -5.17 -9.91
N GLU A 60 -10.22 -4.10 -9.18
CA GLU A 60 -10.01 -4.02 -7.74
C GLU A 60 -10.61 -5.23 -7.01
N VAL A 61 -11.84 -5.63 -7.39
CA VAL A 61 -12.50 -6.78 -6.79
C VAL A 61 -11.72 -8.08 -7.13
N VAL A 62 -11.26 -8.21 -8.39
CA VAL A 62 -10.47 -9.38 -8.84
C VAL A 62 -9.19 -9.49 -7.98
N LEU A 63 -8.47 -8.38 -7.85
CA LEU A 63 -7.20 -8.34 -7.10
C LEU A 63 -7.39 -8.62 -5.62
N LEU A 64 -8.42 -8.02 -4.98
CA LEU A 64 -8.71 -8.26 -3.56
C LEU A 64 -9.04 -9.73 -3.29
N LYS A 65 -9.82 -10.38 -4.20
CA LYS A 65 -10.13 -11.81 -4.02
C LYS A 65 -8.88 -12.67 -4.14
N LYS A 66 -7.96 -12.31 -5.07
CA LYS A 66 -6.72 -13.05 -5.26
C LYS A 66 -5.81 -12.97 -4.03
N VAL A 67 -5.83 -11.83 -3.31
CA VAL A 67 -4.99 -11.66 -2.11
C VAL A 67 -5.71 -11.99 -0.79
N SER A 68 -7.04 -12.19 -0.81
CA SER A 68 -7.82 -12.49 0.39
C SER A 68 -7.41 -13.84 0.98
N SER A 69 -7.05 -13.82 2.24
CA SER A 69 -6.70 -15.02 3.03
C SER A 69 -6.59 -14.69 4.53
N GLY A 70 -6.08 -15.65 5.29
CA GLY A 70 -5.82 -15.48 6.72
C GLY A 70 -4.77 -14.43 7.02
N PHE A 71 -3.76 -14.24 6.10
CA PHE A 71 -2.66 -13.27 6.24
C PHE A 71 -3.20 -11.87 6.44
N SER A 72 -2.86 -11.24 7.56
CA SER A 72 -3.42 -9.95 7.91
C SER A 72 -2.70 -8.72 7.33
N GLY A 73 -1.66 -8.92 6.50
CA GLY A 73 -0.90 -7.80 5.90
C GLY A 73 -1.61 -7.07 4.76
N VAL A 74 -2.71 -7.63 4.24
CA VAL A 74 -3.50 -7.00 3.18
C VAL A 74 -4.93 -6.89 3.68
N ILE A 75 -5.63 -5.81 3.35
CA ILE A 75 -7.04 -5.66 3.74
C ILE A 75 -7.89 -6.87 3.18
N ARG A 76 -8.83 -7.35 3.98
CA ARG A 76 -9.68 -8.44 3.52
C ARG A 76 -11.00 -7.89 2.96
N LEU A 77 -11.34 -8.33 1.74
CA LEU A 77 -12.64 -7.99 1.11
C LEU A 77 -13.65 -8.99 1.69
N LEU A 78 -14.65 -8.51 2.41
CA LEU A 78 -15.66 -9.38 3.02
C LEU A 78 -16.83 -9.69 2.09
N ASP A 79 -17.20 -8.71 1.25
CA ASP A 79 -18.31 -8.83 0.29
C ASP A 79 -18.27 -7.64 -0.66
N TRP A 80 -19.10 -7.70 -1.71
CA TRP A 80 -19.20 -6.64 -2.68
C TRP A 80 -20.59 -6.65 -3.26
N PHE A 81 -21.05 -5.48 -3.69
CA PHE A 81 -22.39 -5.30 -4.26
C PHE A 81 -22.29 -4.39 -5.46
N GLU A 82 -23.17 -4.62 -6.44
CA GLU A 82 -23.24 -3.79 -7.62
C GLU A 82 -24.54 -2.99 -7.49
N ARG A 83 -24.45 -1.69 -7.71
CA ARG A 83 -25.56 -0.74 -7.71
C ARG A 83 -25.70 -0.22 -9.13
N PRO A 84 -26.76 0.53 -9.52
CA PRO A 84 -26.84 1.01 -10.91
C PRO A 84 -25.64 1.84 -11.40
N ASP A 85 -25.08 2.72 -10.54
CA ASP A 85 -23.99 3.60 -10.94
C ASP A 85 -22.70 3.41 -10.17
N SER A 86 -22.63 2.38 -9.31
CA SER A 86 -21.44 2.19 -8.48
C SER A 86 -21.29 0.74 -8.04
N PHE A 87 -20.11 0.42 -7.51
CA PHE A 87 -19.81 -0.83 -6.85
C PHE A 87 -19.60 -0.46 -5.38
N VAL A 88 -20.04 -1.32 -4.47
CA VAL A 88 -19.89 -1.15 -3.02
C VAL A 88 -19.07 -2.33 -2.53
N LEU A 89 -17.95 -2.05 -1.84
CA LEU A 89 -17.02 -3.04 -1.31
C LEU A 89 -17.07 -3.02 0.22
N ILE A 90 -17.24 -4.19 0.83
CA ILE A 90 -17.26 -4.32 2.30
C ILE A 90 -15.91 -4.83 2.68
N LEU A 91 -15.17 -4.03 3.44
CA LEU A 91 -13.80 -4.38 3.81
C LEU A 91 -13.69 -4.51 5.30
N GLU A 92 -12.72 -5.28 5.78
CA GLU A 92 -12.50 -5.37 7.21
C GLU A 92 -12.06 -4.00 7.73
N ARG A 93 -12.33 -3.72 8.99
CA ARG A 93 -11.91 -2.45 9.56
C ARG A 93 -11.29 -2.66 10.92
N PRO A 94 -9.96 -2.47 11.02
CA PRO A 94 -9.30 -2.57 12.33
C PRO A 94 -9.74 -1.39 13.19
N GLU A 95 -9.77 -1.57 14.51
CA GLU A 95 -10.25 -0.54 15.43
C GLU A 95 -9.51 -0.64 16.78
N PRO A 96 -8.72 0.38 17.20
CA PRO A 96 -8.43 1.66 16.55
C PRO A 96 -7.49 1.53 15.36
N VAL A 97 -7.63 2.44 14.40
CA VAL A 97 -6.84 2.42 13.17
C VAL A 97 -6.39 3.83 12.82
N GLN A 98 -5.26 3.95 12.11
CA GLN A 98 -4.77 5.21 11.57
C GLN A 98 -3.95 4.88 10.33
N ASP A 99 -4.12 5.63 9.23
CA ASP A 99 -3.29 5.36 8.06
C ASP A 99 -1.89 5.93 8.30
N LEU A 100 -0.90 5.41 7.58
CA LEU A 100 0.48 5.81 7.79
C LEU A 100 0.77 7.26 7.44
N PHE A 101 0.02 7.83 6.49
CA PHE A 101 0.19 9.25 6.12
C PHE A 101 -0.18 10.12 7.34
N ASP A 102 -1.34 9.83 7.97
CA ASP A 102 -1.79 10.60 9.15
C ASP A 102 -0.85 10.39 10.31
N PHE A 103 -0.36 9.16 10.45
CA PHE A 103 0.56 8.81 11.52
C PHE A 103 1.87 9.63 11.44
N ILE A 104 2.50 9.65 10.25
CA ILE A 104 3.75 10.39 10.00
C ILE A 104 3.46 11.90 10.11
N THR A 105 2.32 12.37 9.56
CA THR A 105 1.96 13.79 9.67
C THR A 105 1.94 14.23 11.14
N GLU A 106 1.29 13.43 12.01
CA GLU A 106 1.17 13.76 13.44
C GLU A 106 2.44 13.60 14.23
N ARG A 107 3.19 12.52 13.97
CA ARG A 107 4.35 12.19 14.79
C ARG A 107 5.71 12.59 14.22
N GLY A 108 5.74 12.98 12.94
CA GLY A 108 6.97 13.35 12.25
C GLY A 108 7.75 12.12 11.83
N ALA A 109 9.04 12.31 11.51
CA ALA A 109 9.97 11.24 11.10
C ALA A 109 10.01 10.13 12.17
N LEU A 110 9.93 8.86 11.73
CA LEU A 110 9.89 7.74 12.66
C LEU A 110 11.25 7.32 13.15
N GLN A 111 11.33 6.87 14.41
CA GLN A 111 12.56 6.27 14.95
C GLN A 111 12.86 5.06 14.08
N GLU A 112 14.15 4.78 13.84
CA GLU A 112 14.49 3.69 12.91
C GLU A 112 13.98 2.33 13.34
N GLU A 113 13.88 2.08 14.65
CA GLU A 113 13.37 0.79 15.11
C GLU A 113 11.91 0.61 14.65
N LEU A 114 11.13 1.71 14.70
CA LEU A 114 9.73 1.71 14.30
C LEU A 114 9.62 1.60 12.78
N ALA A 115 10.42 2.39 12.04
CA ALA A 115 10.43 2.33 10.57
C ALA A 115 10.83 0.93 10.11
N ARG A 116 11.78 0.27 10.80
CA ARG A 116 12.22 -1.08 10.43
C ARG A 116 11.05 -2.06 10.56
N SER A 117 10.32 -2.01 11.67
CA SER A 117 9.17 -2.90 11.89
C SER A 117 8.09 -2.65 10.83
N PHE A 118 7.77 -1.39 10.59
CA PHE A 118 6.76 -1.02 9.60
C PHE A 118 7.19 -1.41 8.18
N PHE A 119 8.42 -1.08 7.82
CA PHE A 119 8.93 -1.37 6.47
C PHE A 119 8.97 -2.89 6.22
N TRP A 120 9.42 -3.67 7.20
CA TRP A 120 9.46 -5.14 7.13
C TRP A 120 8.04 -5.68 6.83
N GLN A 121 7.03 -5.20 7.58
CA GLN A 121 5.65 -5.66 7.40
C GLN A 121 5.14 -5.29 6.02
N VAL A 122 5.52 -4.10 5.50
CA VAL A 122 5.09 -3.71 4.15
C VAL A 122 5.72 -4.68 3.14
N LEU A 123 7.01 -4.97 3.32
CA LEU A 123 7.70 -5.91 2.43
C LEU A 123 6.99 -7.28 2.43
N GLU A 124 6.65 -7.82 3.61
CA GLU A 124 5.94 -9.10 3.69
C GLU A 124 4.58 -9.01 2.98
N ALA A 125 3.87 -7.89 3.15
CA ALA A 125 2.54 -7.71 2.49
C ALA A 125 2.70 -7.64 0.96
N VAL A 126 3.72 -6.93 0.46
CA VAL A 126 3.96 -6.80 -0.98
C VAL A 126 4.36 -8.16 -1.54
N ARG A 127 5.21 -8.91 -0.79
CA ARG A 127 5.59 -10.27 -1.26
C ARG A 127 4.36 -11.15 -1.37
N HIS A 128 3.41 -11.03 -0.41
CA HIS A 128 2.16 -11.81 -0.42
C HIS A 128 1.38 -11.45 -1.71
N CYS A 129 1.23 -10.15 -2.01
CA CYS A 129 0.53 -9.72 -3.22
C CYS A 129 1.15 -10.37 -4.44
N HIS A 130 2.49 -10.23 -4.60
CA HIS A 130 3.21 -10.80 -5.76
C HIS A 130 3.03 -12.31 -5.85
N ASN A 131 3.08 -13.02 -4.70
CA ASN A 131 2.88 -14.48 -4.67
C ASN A 131 1.46 -14.88 -5.09
N CYS A 132 0.49 -13.96 -4.91
CA CYS A 132 -0.91 -14.16 -5.31
C CYS A 132 -1.16 -13.70 -6.75
N GLY A 133 -0.12 -13.26 -7.45
CA GLY A 133 -0.23 -12.77 -8.84
C GLY A 133 -0.80 -11.36 -8.94
N VAL A 134 -0.61 -10.55 -7.89
CA VAL A 134 -1.13 -9.18 -7.85
C VAL A 134 0.00 -8.13 -7.69
N LEU A 135 -0.03 -7.11 -8.53
CA LEU A 135 0.88 -5.98 -8.43
C LEU A 135 0.05 -4.79 -7.91
N HIS A 136 0.42 -4.22 -6.76
CA HIS A 136 -0.36 -3.14 -6.16
C HIS A 136 -0.29 -1.81 -6.96
N ARG A 137 0.92 -1.38 -7.37
CA ARG A 137 1.14 -0.15 -8.18
C ARG A 137 0.87 1.17 -7.47
N ASP A 138 0.50 1.15 -6.19
CA ASP A 138 0.34 2.43 -5.49
C ASP A 138 0.76 2.33 -4.04
N ILE A 139 1.91 1.68 -3.80
CA ILE A 139 2.44 1.56 -2.44
C ILE A 139 2.86 2.96 -1.99
N LYS A 140 2.28 3.44 -0.89
CA LYS A 140 2.58 4.76 -0.32
C LYS A 140 1.95 4.82 1.06
N ASP A 141 2.35 5.79 1.86
CA ASP A 141 1.85 5.98 3.22
C ASP A 141 0.31 6.03 3.32
N GLU A 142 -0.37 6.71 2.40
CA GLU A 142 -1.86 6.84 2.41
C GLU A 142 -2.56 5.51 2.21
N ASN A 143 -1.88 4.53 1.59
CA ASN A 143 -2.45 3.21 1.32
C ASN A 143 -1.99 2.12 2.28
N ILE A 144 -1.59 2.52 3.47
CA ILE A 144 -1.15 1.59 4.51
C ILE A 144 -1.94 1.95 5.77
N LEU A 145 -2.66 0.96 6.34
CA LEU A 145 -3.37 1.16 7.60
C LEU A 145 -2.58 0.57 8.74
N ILE A 146 -2.61 1.22 9.90
CA ILE A 146 -1.94 0.70 11.09
C ILE A 146 -3.03 0.23 12.06
N ASP A 147 -3.02 -1.07 12.41
CA ASP A 147 -3.89 -1.63 13.43
C ASP A 147 -3.09 -1.29 14.72
N LEU A 148 -3.48 -0.19 15.37
CA LEU A 148 -2.78 0.39 16.52
C LEU A 148 -2.65 -0.55 17.72
N ASN A 149 -3.62 -1.43 17.99
CA ASN A 149 -3.55 -2.34 19.14
C ASN A 149 -2.58 -3.48 18.87
N ARG A 150 -2.58 -4.01 17.64
CA ARG A 150 -1.72 -5.16 17.30
C ARG A 150 -0.36 -4.78 16.69
N GLY A 151 -0.19 -3.52 16.30
CA GLY A 151 1.04 -3.03 15.64
C GLY A 151 1.21 -3.62 14.24
N GLU A 152 0.09 -4.04 13.64
CA GLU A 152 0.08 -4.69 12.32
C GLU A 152 -0.32 -3.71 11.26
N LEU A 153 0.41 -3.71 10.13
CA LEU A 153 0.12 -2.85 8.99
C LEU A 153 -0.64 -3.62 7.93
N LYS A 154 -1.49 -2.93 7.19
CA LYS A 154 -2.31 -3.56 6.14
C LYS A 154 -2.29 -2.69 4.90
N LEU A 155 -2.04 -3.30 3.74
CA LEU A 155 -2.10 -2.58 2.46
C LEU A 155 -3.56 -2.46 2.08
N ILE A 156 -3.93 -1.27 1.60
CA ILE A 156 -5.29 -0.99 1.13
C ILE A 156 -5.22 -0.38 -0.26
N ASP A 157 -6.41 -0.11 -0.84
CA ASP A 157 -6.57 0.58 -2.13
C ASP A 157 -5.83 -0.09 -3.30
N PHE A 158 -6.38 -1.19 -3.75
CA PHE A 158 -5.92 -1.96 -4.90
C PHE A 158 -6.54 -1.44 -6.20
N GLY A 159 -7.13 -0.26 -6.17
CA GLY A 159 -7.80 0.33 -7.34
C GLY A 159 -6.93 0.73 -8.52
N SER A 160 -5.60 0.83 -8.34
CA SER A 160 -4.65 1.17 -9.41
C SER A 160 -3.79 -0.06 -9.79
N GLY A 161 -4.10 -1.19 -9.17
CA GLY A 161 -3.33 -2.42 -9.33
C GLY A 161 -3.53 -3.14 -10.65
N ALA A 162 -2.80 -4.24 -10.82
CA ALA A 162 -2.92 -5.04 -12.03
C ALA A 162 -2.55 -6.46 -11.70
N LEU A 163 -2.86 -7.38 -12.60
CA LEU A 163 -2.37 -8.74 -12.45
C LEU A 163 -0.84 -8.61 -12.66
N LEU A 164 -0.05 -9.33 -11.86
CA LEU A 164 1.41 -9.32 -11.97
C LEU A 164 1.79 -10.09 -13.24
N LYS A 165 2.73 -9.55 -14.01
CA LYS A 165 3.22 -10.19 -15.24
C LYS A 165 4.72 -9.94 -15.32
N ASP A 166 5.41 -10.69 -16.17
CA ASP A 166 6.87 -10.58 -16.28
C ASP A 166 7.29 -9.69 -17.46
N THR A 167 6.31 -9.25 -18.27
CA THR A 167 6.55 -8.38 -19.43
C THR A 167 6.38 -6.92 -18.98
N VAL A 168 6.70 -5.97 -19.88
CA VAL A 168 6.66 -4.55 -19.58
C VAL A 168 5.25 -4.01 -19.40
N TYR A 169 5.08 -3.05 -18.48
CA TYR A 169 3.84 -2.31 -18.29
C TYR A 169 4.04 -0.97 -19.01
N THR A 170 3.04 -0.53 -19.77
CA THR A 170 3.11 0.73 -20.51
C THR A 170 1.98 1.66 -20.08
N ASP A 171 1.24 1.27 -19.03
CA ASP A 171 0.14 2.06 -18.44
C ASP A 171 0.47 2.22 -16.96
N PHE A 172 0.05 3.35 -16.38
CA PHE A 172 0.25 3.61 -14.96
C PHE A 172 -0.73 4.68 -14.48
N ASP A 173 -1.42 4.41 -13.37
CA ASP A 173 -2.36 5.38 -12.79
C ASP A 173 -2.22 5.44 -11.26
N GLY A 174 -1.02 5.13 -10.75
CA GLY A 174 -0.71 5.24 -9.33
C GLY A 174 -0.25 6.64 -9.01
N THR A 175 0.58 6.83 -7.95
CA THR A 175 1.03 8.18 -7.55
C THR A 175 2.35 8.51 -8.25
N ARG A 176 2.38 9.61 -9.03
CA ARG A 176 3.54 10.03 -9.81
C ARG A 176 4.83 10.21 -8.98
N VAL A 177 4.74 10.82 -7.79
CA VAL A 177 5.90 11.08 -6.91
C VAL A 177 6.49 9.79 -6.33
N TYR A 178 5.77 8.65 -6.48
CA TYR A 178 6.29 7.35 -6.04
C TYR A 178 6.68 6.52 -7.28
N SER A 179 6.45 7.07 -8.51
CA SER A 179 6.73 6.33 -9.75
C SER A 179 8.21 6.40 -10.15
N PRO A 180 8.73 5.33 -10.80
CA PRO A 180 10.16 5.27 -11.09
C PRO A 180 10.61 6.11 -12.27
N PRO A 181 11.92 6.38 -12.37
CA PRO A 181 12.44 7.19 -13.47
C PRO A 181 12.17 6.59 -14.85
N GLU A 182 12.16 5.25 -14.99
CA GLU A 182 11.89 4.58 -16.27
C GLU A 182 10.44 4.87 -16.73
N TRP A 183 9.49 5.03 -15.80
CA TRP A 183 8.12 5.39 -16.16
C TRP A 183 8.10 6.85 -16.62
N ILE A 184 8.68 7.77 -15.82
CA ILE A 184 8.74 9.21 -16.16
C ILE A 184 9.39 9.42 -17.55
N ARG A 185 10.54 8.77 -17.79
CA ARG A 185 11.28 8.94 -19.04
C ARG A 185 10.75 8.19 -20.23
N TYR A 186 10.43 6.88 -20.06
CA TYR A 186 10.07 6.01 -21.17
C TYR A 186 8.66 5.48 -21.19
N HIS A 187 7.85 5.74 -20.13
CA HIS A 187 6.50 5.19 -20.03
C HIS A 187 6.51 3.67 -20.10
N ARG A 188 7.54 3.07 -19.47
CA ARG A 188 7.76 1.62 -19.43
C ARG A 188 8.36 1.28 -18.08
N TYR A 189 7.91 0.18 -17.49
CA TYR A 189 8.48 -0.33 -16.23
C TYR A 189 8.12 -1.81 -16.10
N HIS A 190 8.87 -2.54 -15.28
CA HIS A 190 8.59 -3.93 -14.93
C HIS A 190 8.05 -3.88 -13.50
N GLY A 191 7.10 -4.74 -13.19
CA GLY A 191 6.40 -4.70 -11.91
C GLY A 191 7.23 -4.68 -10.64
N ARG A 192 8.07 -5.70 -10.45
CA ARG A 192 8.87 -5.86 -9.23
C ARG A 192 9.88 -4.73 -9.01
N SER A 193 10.65 -4.33 -10.05
CA SER A 193 11.64 -3.26 -9.85
C SER A 193 10.98 -1.90 -9.65
N ALA A 194 9.76 -1.68 -10.23
CA ALA A 194 9.02 -0.43 -9.99
C ALA A 194 8.50 -0.44 -8.54
N ALA A 195 8.06 -1.62 -8.06
CA ALA A 195 7.59 -1.74 -6.68
C ALA A 195 8.75 -1.42 -5.70
N VAL A 196 9.99 -1.88 -5.98
CA VAL A 196 11.17 -1.62 -5.12
C VAL A 196 11.46 -0.11 -5.09
N TRP A 197 11.37 0.56 -6.25
CA TRP A 197 11.54 2.02 -6.28
C TRP A 197 10.53 2.67 -5.32
N SER A 198 9.23 2.32 -5.44
CA SER A 198 8.23 2.95 -4.53
C SER A 198 8.51 2.64 -3.09
N LEU A 199 9.08 1.46 -2.80
CA LEU A 199 9.45 1.08 -1.42
C LEU A 199 10.60 1.95 -0.91
N GLY A 200 11.53 2.32 -1.80
CA GLY A 200 12.59 3.26 -1.45
C GLY A 200 12.02 4.63 -1.08
N ILE A 201 11.03 5.11 -1.84
CA ILE A 201 10.33 6.38 -1.57
C ILE A 201 9.66 6.30 -0.19
N LEU A 202 8.94 5.20 0.02
CA LEU A 202 8.24 4.98 1.29
C LEU A 202 9.18 4.94 2.50
N LEU A 203 10.32 4.23 2.38
CA LEU A 203 11.27 4.15 3.49
C LEU A 203 11.87 5.52 3.82
N TYR A 204 12.25 6.29 2.76
CA TYR A 204 12.75 7.66 2.95
C TYR A 204 11.66 8.45 3.70
N ASP A 205 10.41 8.34 3.24
CA ASP A 205 9.29 9.04 3.88
C ASP A 205 9.16 8.69 5.36
N MET A 206 9.32 7.41 5.72
CA MET A 206 9.22 6.98 7.11
C MET A 206 10.31 7.61 7.98
N VAL A 207 11.56 7.59 7.51
CA VAL A 207 12.68 8.06 8.34
C VAL A 207 12.94 9.56 8.22
N CYS A 208 12.40 10.22 7.18
CA CYS A 208 12.61 11.67 7.01
C CYS A 208 11.34 12.49 7.26
N GLY A 209 10.18 11.86 7.25
CA GLY A 209 8.92 12.56 7.46
C GLY A 209 8.31 13.21 6.24
N ASP A 210 8.95 13.06 5.07
CA ASP A 210 8.49 13.59 3.77
C ASP A 210 9.13 12.81 2.65
N ILE A 211 8.57 12.86 1.45
CA ILE A 211 9.09 12.16 0.28
C ILE A 211 10.36 12.86 -0.27
N PRO A 212 11.29 12.14 -0.95
CA PRO A 212 12.53 12.82 -1.38
C PRO A 212 12.42 13.70 -2.61
N PHE A 213 11.50 13.39 -3.52
CA PHE A 213 11.38 14.09 -4.81
C PHE A 213 9.99 14.63 -5.00
N GLU A 214 9.91 15.81 -5.60
CA GLU A 214 8.62 16.42 -5.91
C GLU A 214 8.43 16.49 -7.44
N HIS A 215 9.43 16.96 -8.18
CA HIS A 215 9.34 17.17 -9.62
C HIS A 215 9.91 16.02 -10.43
N ASP A 216 9.44 15.86 -11.69
CA ASP A 216 9.91 14.82 -12.62
C ASP A 216 11.43 14.87 -12.77
N GLU A 217 12.00 16.09 -12.84
CA GLU A 217 13.45 16.32 -12.99
C GLU A 217 14.22 15.71 -11.82
N GLU A 218 13.67 15.81 -10.60
CA GLU A 218 14.32 15.23 -9.42
C GLU A 218 14.27 13.72 -9.45
N ILE A 219 13.12 13.14 -9.87
CA ILE A 219 12.99 11.66 -9.97
C ILE A 219 14.06 11.10 -10.94
N ILE A 220 14.17 11.75 -12.11
CA ILE A 220 15.10 11.39 -13.19
C ILE A 220 16.57 11.50 -12.73
N ARG A 221 16.89 12.56 -11.99
CA ARG A 221 18.25 12.76 -11.48
C ARG A 221 18.53 11.72 -10.38
N GLY A 222 17.54 11.42 -9.55
CA GLY A 222 17.61 10.43 -8.48
C GLY A 222 18.66 10.71 -7.42
N GLN A 223 18.98 12.01 -7.19
CA GLN A 223 19.97 12.35 -6.16
C GLN A 223 19.25 12.45 -4.82
N VAL A 224 19.60 11.57 -3.88
CA VAL A 224 18.95 11.48 -2.56
C VAL A 224 19.70 12.34 -1.54
N PHE A 225 19.02 13.35 -1.00
CA PHE A 225 19.57 14.22 0.05
C PHE A 225 18.83 13.89 1.34
N PHE A 226 19.54 13.70 2.46
CA PHE A 226 18.89 13.40 3.74
C PHE A 226 18.78 14.66 4.55
N ARG A 227 17.53 15.06 4.81
CA ARG A 227 17.14 16.27 5.52
C ARG A 227 17.10 16.03 7.05
N GLN A 228 17.14 14.75 7.47
CA GLN A 228 17.11 14.34 8.87
C GLN A 228 18.32 13.44 9.13
N ARG A 229 18.66 13.25 10.41
CA ARG A 229 19.73 12.35 10.78
C ARG A 229 19.21 10.92 10.56
N VAL A 230 19.85 10.17 9.66
CA VAL A 230 19.48 8.80 9.30
C VAL A 230 20.77 7.98 9.29
N SER A 231 20.74 6.76 9.87
CA SER A 231 21.92 5.89 9.94
C SER A 231 22.46 5.57 8.56
N SER A 232 23.77 5.28 8.49
CA SER A 232 24.42 4.95 7.22
C SER A 232 23.82 3.71 6.56
N GLU A 233 23.45 2.71 7.36
CA GLU A 233 22.85 1.47 6.83
C GLU A 233 21.50 1.78 6.20
N CYS A 234 20.67 2.59 6.89
CA CYS A 234 19.36 2.96 6.34
C CYS A 234 19.51 3.77 5.05
N GLN A 235 20.41 4.78 5.05
CA GLN A 235 20.68 5.58 3.86
C GLN A 235 21.11 4.69 2.68
N HIS A 236 21.99 3.69 2.96
CA HIS A 236 22.51 2.77 1.92
C HIS A 236 21.34 1.99 1.31
N LEU A 237 20.44 1.45 2.16
CA LEU A 237 19.30 0.67 1.67
C LEU A 237 18.39 1.56 0.81
N ILE A 238 18.10 2.79 1.28
CA ILE A 238 17.24 3.71 0.51
C ILE A 238 17.85 4.01 -0.85
N ARG A 239 19.14 4.37 -0.87
CA ARG A 239 19.83 4.69 -2.12
C ARG A 239 19.89 3.49 -3.07
N TRP A 240 19.93 2.27 -2.50
CA TRP A 240 19.92 1.03 -3.30
C TRP A 240 18.53 0.83 -3.96
N CYS A 241 17.43 0.97 -3.18
CA CYS A 241 16.04 0.86 -3.71
C CYS A 241 15.80 1.91 -4.77
N LEU A 242 16.43 3.08 -4.58
CA LEU A 242 16.28 4.21 -5.49
C LEU A 242 17.36 4.27 -6.59
N ALA A 243 17.95 3.13 -6.96
CA ALA A 243 18.91 3.11 -8.06
C ALA A 243 18.19 3.53 -9.34
N LEU A 244 18.84 4.41 -10.14
CA LEU A 244 18.25 4.88 -11.39
C LEU A 244 17.98 3.73 -12.35
N ARG A 245 18.92 2.81 -12.48
CA ARG A 245 18.75 1.67 -13.37
C ARG A 245 17.95 0.60 -12.66
N PRO A 246 16.82 0.13 -13.23
CA PRO A 246 16.01 -0.91 -12.55
C PRO A 246 16.81 -2.16 -12.17
N SER A 247 17.79 -2.55 -13.01
CA SER A 247 18.65 -3.71 -12.77
C SER A 247 19.65 -3.51 -11.60
N ASP A 248 19.87 -2.24 -11.17
CA ASP A 248 20.76 -1.95 -10.04
C ASP A 248 20.00 -1.99 -8.71
N ARG A 249 18.68 -2.16 -8.73
CA ARG A 249 17.86 -2.20 -7.52
C ARG A 249 17.92 -3.55 -6.85
N PRO A 250 17.76 -3.61 -5.52
CA PRO A 250 17.79 -4.92 -4.84
C PRO A 250 16.52 -5.71 -5.15
N THR A 251 16.59 -7.04 -5.02
CA THR A 251 15.40 -7.89 -5.09
C THR A 251 14.77 -7.80 -3.66
N PHE A 252 13.55 -8.32 -3.45
CA PHE A 252 12.94 -8.32 -2.10
C PHE A 252 13.82 -9.11 -1.10
N GLU A 253 14.46 -10.19 -1.59
CA GLU A 253 15.32 -11.01 -0.75
C GLU A 253 16.52 -10.17 -0.29
N GLU A 254 17.12 -9.40 -1.21
CA GLU A 254 18.27 -8.55 -0.89
C GLU A 254 17.87 -7.44 0.09
N ILE A 255 16.68 -6.88 -0.07
CA ILE A 255 16.23 -5.86 0.89
C ILE A 255 16.13 -6.51 2.29
N GLN A 256 15.45 -7.66 2.40
CA GLN A 256 15.20 -8.31 3.69
C GLN A 256 16.46 -8.88 4.34
N ASN A 257 17.54 -9.11 3.54
CA ASN A 257 18.82 -9.59 4.06
C ASN A 257 19.76 -8.42 4.32
N HIS A 258 19.29 -7.16 4.05
CA HIS A 258 20.13 -5.99 4.27
C HIS A 258 20.48 -5.82 5.76
N PRO A 259 21.71 -5.39 6.12
CA PRO A 259 22.06 -5.20 7.54
C PRO A 259 21.08 -4.28 8.29
N TRP A 260 20.48 -3.27 7.61
CA TRP A 260 19.54 -2.39 8.31
C TRP A 260 18.26 -3.15 8.70
N MET A 261 17.92 -4.24 7.99
CA MET A 261 16.67 -4.98 8.24
C MET A 261 16.75 -6.04 9.33
N GLN A 262 17.94 -6.23 9.94
CA GLN A 262 18.11 -7.29 10.94
C GLN A 262 17.49 -6.95 12.30
N ASP A 263 17.08 -7.98 13.06
CA ASP A 263 16.49 -7.90 14.40
C ASP A 263 15.22 -7.06 14.45
N VAL A 264 14.31 -7.31 13.50
CA VAL A 264 13.01 -6.62 13.43
C VAL A 264 12.20 -6.97 14.68
N LEU A 265 11.42 -6.02 15.20
CA LEU A 265 10.53 -6.29 16.32
C LEU A 265 9.34 -7.05 15.78
N LEU A 266 8.67 -7.83 16.64
CA LEU A 266 7.41 -8.47 16.28
C LEU A 266 6.32 -7.34 16.26
N PRO A 267 5.21 -7.46 15.51
CA PRO A 267 4.21 -6.37 15.52
C PRO A 267 3.72 -6.04 16.94
N GLN A 268 3.43 -7.06 17.81
CA GLN A 268 2.97 -6.78 19.18
C GLN A 268 3.99 -5.97 20.01
N GLU A 269 5.29 -6.30 19.89
CA GLU A 269 6.38 -5.59 20.56
C GLU A 269 6.40 -4.13 20.06
N THR A 270 6.20 -3.94 18.74
CA THR A 270 6.16 -2.63 18.10
C THR A 270 5.01 -1.79 18.71
N ALA A 271 3.82 -2.37 18.86
CA ALA A 271 2.69 -1.64 19.45
C ALA A 271 3.00 -1.29 20.92
N GLU A 272 3.56 -2.22 21.69
CA GLU A 272 3.88 -2.01 23.09
C GLU A 272 4.88 -0.85 23.31
N ILE A 273 5.96 -0.79 22.50
CA ILE A 273 7.00 0.24 22.63
C ILE A 273 6.60 1.59 22.02
N HIS A 274 5.99 1.58 20.82
CA HIS A 274 5.75 2.80 20.03
C HIS A 274 4.32 3.29 19.88
N LEU A 275 3.32 2.42 20.06
CA LEU A 275 1.95 2.78 19.75
C LEU A 275 1.04 2.89 20.95
N HIS A 276 1.22 2.03 21.96
CA HIS A 276 0.38 2.02 23.16
C HIS A 276 0.59 3.28 24.01
CL CL B . -9.33 -0.81 0.24
C1 EDO C . 4.57 12.90 4.55
O1 EDO C . 4.61 14.27 4.91
C2 EDO C . 3.54 12.18 5.44
O2 EDO C . 3.91 10.81 5.50
C1 EDO D . -8.13 5.00 8.46
O1 EDO D . -7.53 5.94 7.60
C2 EDO D . -9.63 5.29 8.56
O2 EDO D . -9.79 6.57 9.17
C1 EDO E . 7.75 9.35 16.01
O1 EDO E . 6.86 8.96 17.05
C2 EDO E . 9.12 8.67 16.26
O2 EDO E . 8.97 7.27 16.12
C1 EDO F . 12.13 -8.31 -6.98
O1 EDO F . 12.46 -9.37 -6.10
C2 EDO F . 13.13 -8.23 -8.16
O2 EDO F . 12.95 -6.96 -8.71
C1 EDO G . 26.10 8.48 4.64
O1 EDO G . 26.46 7.34 3.93
C2 EDO G . 26.26 9.58 3.60
O2 EDO G . 25.76 10.72 4.19
C1 EDO H . -25.10 0.21 3.42
O1 EDO H . -26.33 0.90 3.66
C2 EDO H . -24.38 0.84 2.20
O2 EDO H . -24.06 2.18 2.47
C1 EDO I . -1.02 -11.09 -17.57
O1 EDO I . -1.40 -9.74 -17.27
C2 EDO I . -1.35 -12.05 -16.39
O2 EDO I . -0.23 -12.21 -15.53
C1 EDO J . 3.57 12.43 1.03
O1 EDO J . 3.20 13.78 1.32
C2 EDO J . 2.44 11.65 0.32
O2 EDO J . 2.98 10.37 0.12
C1 EDO K . 18.68 -0.32 -17.88
O1 EDO K . 18.59 0.93 -17.23
C2 EDO K . 19.30 -1.33 -16.91
O2 EDO K . 18.38 -1.53 -15.83
C1 EDO L . -0.76 11.98 -7.93
O1 EDO L . -0.23 11.54 -9.19
C2 EDO L . -1.90 11.07 -7.42
O2 EDO L . -1.94 11.09 -5.98
C1 EDO M . -8.15 -10.09 15.12
O1 EDO M . -8.17 -10.29 13.70
C2 EDO M . -8.90 -8.78 15.47
O2 EDO M . -8.79 -8.52 16.86
C1 EDO N . 25.95 -2.82 3.80
O1 EDO N . 24.91 -3.27 2.95
C2 EDO N . 25.82 -1.29 4.01
O2 EDO N . 24.99 -1.05 5.13
C1 EDO O . 15.90 -10.00 9.24
O1 EDO O . 16.69 -11.03 9.82
C2 EDO O . 14.68 -9.73 10.13
O2 EDO O . 14.97 -8.77 11.11
C1 EDO P . 13.06 -6.15 -13.75
O1 EDO P . 13.27 -4.74 -13.82
C2 EDO P . 12.57 -6.59 -12.37
O2 EDO P . 11.18 -6.30 -12.32
C1 EDO Q . -5.78 4.67 19.98
O1 EDO Q . -5.86 5.61 18.93
C2 EDO Q . -4.42 3.94 19.95
O2 EDO Q . -4.48 2.79 20.77
C1 EDO R . 22.00 -6.49 1.47
O1 EDO R . 21.27 -7.64 1.06
C2 EDO R . 23.42 -6.78 1.96
O2 EDO R . 24.21 -5.62 1.83
C1 EDO S . 24.70 -2.63 -2.89
O1 EDO S . 25.80 -1.76 -2.71
C2 EDO S . 25.08 -4.02 -2.39
O2 EDO S . 25.49 -3.94 -1.03
C1 EDO T . 20.26 7.80 12.86
O1 EDO T . 21.43 7.60 13.62
C2 EDO T . 18.96 7.77 13.69
O2 EDO T . 17.84 7.95 12.80
C1 EDO U . 8.38 -7.82 -12.77
O1 EDO U . 7.06 -8.19 -12.47
C2 EDO U . 9.19 -9.06 -13.08
O2 EDO U . 10.47 -8.62 -13.42
C1 EDO V . 17.60 1.74 16.49
O1 EDO V . 17.05 0.60 15.84
C2 EDO V . 16.91 3.10 16.09
O2 EDO V . 15.58 3.28 16.63
C1 EDO W . -0.33 -17.41 -2.25
O1 EDO W . -0.11 -18.38 -3.27
C2 EDO W . 0.13 -17.96 -0.88
O2 EDO W . -0.94 -17.96 0.03
C1 6SO X . -10.41 0.36 5.22
C2 6SO X . -10.20 0.50 3.86
C3 6SO X . -9.95 1.77 3.35
C7 6SO X . -9.56 4.02 3.34
C8 6SO X . -9.46 3.53 2.07
C9 6SO X . -9.31 5.43 3.79
C10 6SO X . -7.91 5.53 4.37
CL 6SO X . -10.66 1.28 7.75
C6 6SO X . -10.40 1.48 6.04
C5 6SO X . -10.15 2.76 5.54
C4 6SO X . -9.90 2.91 4.18
N2 6SO X . -7.63 6.88 4.92
N1 6SO X . -9.71 2.19 2.06
S SO4 Y . 10.12 -13.07 -3.14
O1 SO4 Y . 9.85 -12.54 -4.47
O2 SO4 Y . 11.13 -12.24 -2.47
O3 SO4 Y . 10.67 -14.37 -3.34
O4 SO4 Y . 8.90 -13.22 -2.32
S SO4 Z . -22.58 -10.58 -4.34
O1 SO4 Z . -22.51 -9.76 -5.56
O2 SO4 Z . -23.30 -9.84 -3.30
O3 SO4 Z . -23.29 -11.83 -4.63
O4 SO4 Z . -21.22 -10.91 -3.85
#